data_2NXG
#
_entry.id   2NXG
#
_cell.length_a   84.155
_cell.length_b   84.155
_cell.length_c   160.647
_cell.angle_alpha   90.00
_cell.angle_beta   90.00
_cell.angle_gamma   120.00
#
_symmetry.space_group_name_H-M   'P 31 2 1'
#
loop_
_entity.id
_entity.type
_entity.pdbx_description
1 polymer '2-dehydro-3-deoxyphosphooctonate aldolase'
2 non-polymer PHOSPHOENOLPYRUVATE
3 non-polymer ARABINOSE-5-PHOSPHATE
4 non-polymer '(2R,4R,5R,6R,7R)-2,4,5,6,7-PENTAHYDROXY-2,8-BIS(PHOSPHONOOXY)OCTANOIC ACID'
5 water water
#
_entity_poly.entity_id   1
_entity_poly.type   'polypeptide(L)'
_entity_poly.pdbx_seq_one_letter_code
;EKFLVIAGPNAIESEELLLKVGEEIKRLSEKFKEVEFVFKSSFDKANRSSIHSFRGHGLEYGVKALRKVKEEFGLKITTD
IHESWQAEPVAEVADIIQIPAFLCRQTDLLLAAAKTGRAVNVKKGQFLAPWDTKNVVEKLKFGGAKEIYLTERGTTFGYN
NLVVDFRSLPIMKQWAKVIYDATHSVQLPGGLGDKSGGMREFIFPLIRAAVAVGCDGVFMETHPEPEKALSDAPTALPLS
QLEGIIEAILEIREVASKYYETI
;
_entity_poly.pdbx_strand_id   A,B
#
loop_
_chem_comp.id
_chem_comp.type
_chem_comp.name
_chem_comp.formula
1NT non-polymer '(2R,4R,5R,6R,7R)-2,4,5,6,7-PENTAHYDROXY-2,8-BIS(PHOSPHONOOXY)OCTANOIC ACID' 'C8 H18 O15 P2'
A5P non-polymer ARABINOSE-5-PHOSPHATE 'C5 H13 O8 P'
PEP non-polymer PHOSPHOENOLPYRUVATE 'C3 H5 O6 P'
#
# COMPACT_ATOMS: atom_id res chain seq x y z
N GLU A 1 -32.85 -3.80 -2.47
CA GLU A 1 -31.82 -3.98 -3.54
C GLU A 1 -31.10 -5.31 -3.34
N LYS A 2 -30.81 -6.02 -4.42
CA LYS A 2 -30.15 -7.32 -4.32
C LYS A 2 -28.87 -7.25 -3.51
N PHE A 3 -28.77 -8.11 -2.50
CA PHE A 3 -27.60 -8.17 -1.64
C PHE A 3 -26.49 -8.87 -2.41
N LEU A 4 -25.26 -8.41 -2.22
CA LEU A 4 -24.13 -8.97 -2.94
C LEU A 4 -23.29 -9.94 -2.11
N VAL A 5 -23.00 -11.11 -2.64
CA VAL A 5 -22.15 -12.05 -1.95
C VAL A 5 -21.01 -12.38 -2.90
N ILE A 6 -19.82 -11.96 -2.51
CA ILE A 6 -18.62 -12.20 -3.32
C ILE A 6 -17.90 -13.30 -2.58
N ALA A 7 -17.63 -14.41 -3.28
CA ALA A 7 -16.98 -15.52 -2.62
C ALA A 7 -16.17 -16.37 -3.58
N GLY A 8 -15.20 -17.09 -3.03
CA GLY A 8 -14.38 -17.95 -3.85
C GLY A 8 -13.08 -18.27 -3.17
N PRO A 9 -12.21 -19.06 -3.81
CA PRO A 9 -10.92 -19.41 -3.19
C PRO A 9 -10.05 -18.16 -3.21
N ASN A 10 -9.14 -18.04 -2.25
CA ASN A 10 -8.29 -16.86 -2.23
C ASN A 10 -7.47 -16.77 -3.50
N ALA A 11 -6.78 -17.85 -3.83
CA ALA A 11 -5.93 -17.89 -5.01
C ALA A 11 -6.37 -18.97 -6.00
N ILE A 12 -6.02 -18.75 -7.26
CA ILE A 12 -6.34 -19.71 -8.30
C ILE A 12 -5.25 -20.78 -8.22
N GLU A 13 -5.39 -21.69 -7.26
CA GLU A 13 -4.43 -22.76 -7.08
C GLU A 13 -4.41 -23.66 -8.30
N SER A 14 -5.59 -23.85 -8.90
CA SER A 14 -5.75 -24.68 -10.08
C SER A 14 -7.15 -24.48 -10.63
N GLU A 15 -7.33 -24.74 -11.91
CA GLU A 15 -8.64 -24.59 -12.54
C GLU A 15 -9.61 -25.56 -11.86
N GLU A 16 -9.10 -26.71 -11.42
CA GLU A 16 -9.94 -27.69 -10.75
C GLU A 16 -10.56 -27.14 -9.47
N LEU A 17 -9.74 -26.53 -8.62
CA LEU A 17 -10.23 -25.95 -7.38
C LEU A 17 -11.35 -24.95 -7.68
N LEU A 18 -11.13 -24.11 -8.69
CA LEU A 18 -12.10 -23.11 -9.09
C LEU A 18 -13.44 -23.73 -9.49
N LEU A 19 -13.41 -24.76 -10.32
CA LEU A 19 -14.64 -25.42 -10.77
C LEU A 19 -15.37 -26.10 -9.61
N LYS A 20 -14.61 -26.57 -8.64
CA LYS A 20 -15.20 -27.24 -7.47
C LYS A 20 -15.94 -26.22 -6.60
N VAL A 21 -15.34 -25.05 -6.41
CA VAL A 21 -15.97 -24.01 -5.60
C VAL A 21 -17.09 -23.37 -6.41
N GLY A 22 -16.85 -23.21 -7.71
CA GLY A 22 -17.85 -22.62 -8.58
C GLY A 22 -19.15 -23.38 -8.57
N GLU A 23 -19.05 -24.71 -8.59
CA GLU A 23 -20.23 -25.55 -8.58
C GLU A 23 -21.09 -25.25 -7.36
N GLU A 24 -20.46 -25.14 -6.20
CA GLU A 24 -21.18 -24.84 -4.97
C GLU A 24 -21.80 -23.45 -4.99
N ILE A 25 -21.04 -22.46 -5.46
CA ILE A 25 -21.55 -21.09 -5.53
C ILE A 25 -22.75 -21.05 -6.46
N LYS A 26 -22.65 -21.80 -7.55
CA LYS A 26 -23.73 -21.88 -8.53
C LYS A 26 -24.96 -22.49 -7.84
N ARG A 27 -24.74 -23.56 -7.06
CA ARG A 27 -25.85 -24.20 -6.36
C ARG A 27 -26.51 -23.21 -5.42
N LEU A 28 -25.69 -22.45 -4.71
CA LEU A 28 -26.22 -21.46 -3.77
C LEU A 28 -26.94 -20.33 -4.48
N SER A 29 -26.47 -19.94 -5.66
CA SER A 29 -27.11 -18.86 -6.39
C SER A 29 -28.51 -19.27 -6.82
N GLU A 30 -28.71 -20.58 -7.01
CA GLU A 30 -30.01 -21.08 -7.41
C GLU A 30 -31.00 -21.05 -6.24
N LYS A 31 -30.47 -21.29 -5.04
CA LYS A 31 -31.30 -21.28 -3.84
C LYS A 31 -31.58 -19.85 -3.39
N PHE A 32 -30.52 -19.09 -3.17
CA PHE A 32 -30.63 -17.71 -2.73
C PHE A 32 -30.78 -16.80 -3.93
N LYS A 33 -31.97 -16.85 -4.55
CA LYS A 33 -32.25 -16.06 -5.73
C LYS A 33 -32.33 -14.56 -5.47
N GLU A 34 -32.42 -14.16 -4.20
CA GLU A 34 -32.48 -12.74 -3.87
C GLU A 34 -31.07 -12.20 -3.68
N VAL A 35 -30.07 -13.03 -3.95
CA VAL A 35 -28.68 -12.63 -3.80
C VAL A 35 -27.95 -12.64 -5.14
N GLU A 36 -27.11 -11.64 -5.35
CA GLU A 36 -26.31 -11.59 -6.56
C GLU A 36 -24.95 -12.15 -6.17
N PHE A 37 -24.57 -13.29 -6.74
CA PHE A 37 -23.28 -13.87 -6.40
C PHE A 37 -22.23 -13.46 -7.42
N VAL A 38 -20.99 -13.29 -6.95
CA VAL A 38 -19.87 -12.96 -7.81
C VAL A 38 -18.74 -13.89 -7.39
N PHE A 39 -18.22 -14.68 -8.33
CA PHE A 39 -17.13 -15.62 -8.06
C PHE A 39 -15.82 -14.86 -8.02
N LYS A 40 -15.03 -15.07 -6.97
CA LYS A 40 -13.77 -14.39 -6.80
C LYS A 40 -12.58 -15.31 -6.63
N SER A 41 -11.45 -14.89 -7.20
CA SER A 41 -10.19 -15.61 -7.08
C SER A 41 -9.08 -14.80 -7.75
N SER A 42 -7.98 -14.63 -7.03
CA SER A 42 -6.83 -13.86 -7.51
C SER A 42 -5.90 -14.65 -8.41
N PHE A 43 -5.58 -14.10 -9.57
CA PHE A 43 -4.67 -14.78 -10.49
C PHE A 43 -3.25 -14.60 -9.99
N ASP A 44 -3.08 -13.71 -9.01
CA ASP A 44 -1.76 -13.46 -8.44
C ASP A 44 -1.77 -12.78 -7.07
N LYS A 45 -0.98 -13.34 -6.15
CA LYS A 45 -0.83 -12.78 -4.80
C LYS A 45 0.48 -12.00 -4.94
N ALA A 46 0.37 -10.75 -5.38
CA ALA A 46 1.53 -9.88 -5.61
C ALA A 46 2.08 -9.16 -4.39
N ASN A 47 1.50 -9.40 -3.21
CA ASN A 47 1.96 -8.73 -2.00
C ASN A 47 2.20 -9.67 -0.81
N ARG A 48 2.58 -10.92 -1.08
CA ARG A 48 2.84 -11.85 0.02
C ARG A 48 3.97 -11.27 0.90
N SER A 49 4.03 -11.69 2.15
CA SER A 49 5.08 -11.21 3.04
C SER A 49 6.43 -11.79 2.61
N SER A 50 6.44 -13.09 2.33
CA SER A 50 7.67 -13.77 1.92
C SER A 50 7.79 -14.04 0.43
N ILE A 51 9.02 -13.92 -0.06
CA ILE A 51 9.32 -14.18 -1.46
C ILE A 51 9.08 -15.67 -1.76
N HIS A 52 9.02 -16.48 -0.70
CA HIS A 52 8.83 -17.92 -0.85
C HIS A 52 7.39 -18.43 -0.85
N SER A 53 6.42 -17.55 -0.63
CA SER A 53 5.02 -17.96 -0.60
C SER A 53 4.41 -18.08 -1.99
N PHE A 54 3.31 -18.83 -2.07
CA PHE A 54 2.60 -19.04 -3.33
C PHE A 54 2.10 -17.71 -3.88
N ARG A 55 2.15 -17.56 -5.21
CA ARG A 55 1.67 -16.34 -5.85
C ARG A 55 0.57 -16.65 -6.86
N GLY A 56 0.78 -17.67 -7.68
CA GLY A 56 -0.21 -18.03 -8.67
C GLY A 56 0.43 -18.60 -9.91
N HIS A 57 -0.36 -18.81 -10.97
CA HIS A 57 0.17 -19.38 -12.20
C HIS A 57 0.17 -18.39 -13.37
N GLY A 58 0.13 -17.10 -13.06
CA GLY A 58 0.15 -16.09 -14.10
C GLY A 58 -1.22 -15.55 -14.45
N LEU A 59 -1.23 -14.35 -15.03
CA LEU A 59 -2.45 -13.67 -15.45
C LEU A 59 -3.18 -14.45 -16.53
N GLU A 60 -2.45 -14.91 -17.55
CA GLU A 60 -3.05 -15.65 -18.65
C GLU A 60 -3.79 -16.87 -18.15
N TYR A 61 -3.09 -17.70 -17.38
CA TYR A 61 -3.69 -18.91 -16.83
C TYR A 61 -4.91 -18.56 -15.98
N GLY A 62 -4.75 -17.57 -15.10
CA GLY A 62 -5.83 -17.16 -14.24
C GLY A 62 -7.06 -16.70 -14.98
N VAL A 63 -6.88 -15.82 -15.96
CA VAL A 63 -7.99 -15.32 -16.75
C VAL A 63 -8.67 -16.47 -17.48
N LYS A 64 -7.87 -17.43 -17.93
CA LYS A 64 -8.38 -18.60 -18.63
C LYS A 64 -9.26 -19.41 -17.67
N ALA A 65 -8.73 -19.70 -16.49
CA ALA A 65 -9.47 -20.47 -15.49
C ALA A 65 -10.75 -19.74 -15.07
N LEU A 66 -10.66 -18.43 -14.88
CA LEU A 66 -11.84 -17.65 -14.49
C LEU A 66 -12.90 -17.70 -15.58
N ARG A 67 -12.48 -17.54 -16.83
CA ARG A 67 -13.41 -17.60 -17.96
C ARG A 67 -14.14 -18.94 -17.98
N LYS A 68 -13.43 -20.01 -17.66
CA LYS A 68 -14.02 -21.35 -17.62
C LYS A 68 -15.16 -21.38 -16.61
N VAL A 69 -14.94 -20.78 -15.44
CA VAL A 69 -15.94 -20.73 -14.40
C VAL A 69 -17.19 -19.97 -14.86
N LYS A 70 -16.98 -18.83 -15.52
CA LYS A 70 -18.10 -18.03 -16.02
C LYS A 70 -18.89 -18.75 -17.10
N GLU A 71 -18.19 -19.48 -17.97
CA GLU A 71 -18.83 -20.20 -19.05
C GLU A 71 -19.62 -21.40 -18.56
N GLU A 72 -18.99 -22.19 -17.69
CA GLU A 72 -19.60 -23.38 -17.16
C GLU A 72 -20.75 -23.16 -16.18
N PHE A 73 -20.66 -22.09 -15.39
CA PHE A 73 -21.69 -21.82 -14.39
C PHE A 73 -22.52 -20.56 -14.58
N GLY A 74 -22.10 -19.68 -15.50
CA GLY A 74 -22.84 -18.46 -15.73
C GLY A 74 -22.78 -17.51 -14.53
N LEU A 75 -21.64 -17.51 -13.85
CA LEU A 75 -21.45 -16.65 -12.68
C LEU A 75 -20.65 -15.40 -13.01
N LYS A 76 -20.97 -14.30 -12.33
CA LYS A 76 -20.21 -13.08 -12.55
C LYS A 76 -18.82 -13.36 -11.99
N ILE A 77 -17.83 -12.58 -12.43
CA ILE A 77 -16.45 -12.80 -12.00
C ILE A 77 -15.78 -11.53 -11.48
N THR A 78 -14.91 -11.69 -10.50
CA THR A 78 -14.14 -10.57 -9.97
C THR A 78 -12.76 -11.08 -9.60
N THR A 79 -11.76 -10.25 -9.87
CA THR A 79 -10.38 -10.57 -9.53
C THR A 79 -9.66 -9.22 -9.36
N ASP A 80 -8.49 -9.23 -8.74
CA ASP A 80 -7.77 -7.99 -8.51
C ASP A 80 -6.56 -7.78 -9.41
N ILE A 81 -6.27 -6.51 -9.71
CA ILE A 81 -5.12 -6.16 -10.54
C ILE A 81 -4.08 -5.48 -9.67
N HIS A 82 -2.83 -5.50 -10.13
CA HIS A 82 -1.75 -4.95 -9.35
C HIS A 82 -0.97 -3.84 -10.03
N GLU A 83 -1.10 -3.79 -11.36
CA GLU A 83 -0.46 -2.74 -12.16
C GLU A 83 -1.43 -2.36 -13.27
N SER A 84 -1.36 -1.11 -13.72
CA SER A 84 -2.25 -0.60 -14.74
C SER A 84 -2.47 -1.48 -15.95
N TRP A 85 -1.39 -2.00 -16.51
CA TRP A 85 -1.50 -2.83 -17.71
C TRP A 85 -2.38 -4.07 -17.59
N GLN A 86 -2.63 -4.50 -16.35
CA GLN A 86 -3.46 -5.69 -16.15
C GLN A 86 -4.95 -5.40 -16.28
N ALA A 87 -5.33 -4.13 -16.18
CA ALA A 87 -6.74 -3.75 -16.26
C ALA A 87 -7.43 -4.19 -17.54
N GLU A 88 -6.78 -3.95 -18.68
CA GLU A 88 -7.37 -4.30 -19.97
C GLU A 88 -7.64 -5.79 -20.17
N PRO A 89 -6.60 -6.63 -20.09
CA PRO A 89 -6.84 -8.06 -20.27
C PRO A 89 -7.78 -8.66 -19.22
N VAL A 90 -7.72 -8.15 -18.00
CA VAL A 90 -8.57 -8.67 -16.93
C VAL A 90 -10.02 -8.28 -17.18
N ALA A 91 -10.23 -7.08 -17.71
CA ALA A 91 -11.58 -6.60 -18.00
C ALA A 91 -12.31 -7.49 -19.00
N GLU A 92 -11.59 -8.34 -19.71
CA GLU A 92 -12.22 -9.23 -20.68
C GLU A 92 -13.05 -10.32 -20.03
N VAL A 93 -12.79 -10.61 -18.76
CA VAL A 93 -13.54 -11.64 -18.05
C VAL A 93 -14.16 -11.14 -16.75
N ALA A 94 -13.46 -10.25 -16.06
CA ALA A 94 -13.95 -9.72 -14.80
C ALA A 94 -15.09 -8.72 -14.93
N ASP A 95 -16.15 -8.96 -14.17
CA ASP A 95 -17.32 -8.08 -14.16
C ASP A 95 -17.05 -6.96 -13.16
N ILE A 96 -16.25 -7.28 -12.15
CA ILE A 96 -15.87 -6.32 -11.13
C ILE A 96 -14.36 -6.39 -10.99
N ILE A 97 -13.72 -5.24 -11.12
CA ILE A 97 -12.26 -5.18 -10.99
C ILE A 97 -11.95 -4.76 -9.57
N GLN A 98 -11.20 -5.59 -8.87
CA GLN A 98 -10.85 -5.34 -7.48
C GLN A 98 -9.51 -4.66 -7.32
N ILE A 99 -9.46 -3.65 -6.45
CA ILE A 99 -8.22 -2.93 -6.17
C ILE A 99 -7.72 -3.31 -4.78
N PRO A 100 -6.51 -3.88 -4.69
CA PRO A 100 -5.90 -4.28 -3.41
C PRO A 100 -5.85 -3.13 -2.39
N ALA A 101 -5.92 -3.48 -1.12
CA ALA A 101 -5.89 -2.50 -0.04
C ALA A 101 -4.66 -1.58 -0.03
N PHE A 102 -3.47 -2.16 -0.17
CA PHE A 102 -2.26 -1.34 -0.17
C PHE A 102 -2.23 -0.37 -1.34
N LEU A 103 -2.96 -0.71 -2.40
CA LEU A 103 -2.98 0.09 -3.62
C LEU A 103 -4.16 1.03 -3.82
N CYS A 104 -5.00 1.19 -2.80
CA CYS A 104 -6.19 2.03 -2.90
C CYS A 104 -5.96 3.50 -3.20
N ARG A 105 -4.71 3.95 -3.11
CA ARG A 105 -4.38 5.35 -3.40
C ARG A 105 -3.58 5.55 -4.71
N GLN A 106 -3.25 4.45 -5.38
CA GLN A 106 -2.49 4.50 -6.62
C GLN A 106 -3.37 4.97 -7.75
N THR A 107 -3.30 6.27 -8.04
CA THR A 107 -4.11 6.90 -9.07
C THR A 107 -4.20 6.21 -10.43
N ASP A 108 -3.06 5.79 -10.98
CA ASP A 108 -3.09 5.13 -12.29
C ASP A 108 -3.77 3.77 -12.30
N LEU A 109 -3.65 3.02 -11.22
CA LEU A 109 -4.27 1.70 -11.14
C LEU A 109 -5.80 1.91 -11.14
N LEU A 110 -6.25 2.83 -10.29
CA LEU A 110 -7.67 3.18 -10.22
C LEU A 110 -8.19 3.65 -11.58
N LEU A 111 -7.46 4.56 -12.23
CA LEU A 111 -7.87 5.08 -13.54
C LEU A 111 -7.93 3.98 -14.59
N ALA A 112 -6.98 3.05 -14.52
CA ALA A 112 -6.93 1.94 -15.48
C ALA A 112 -8.16 1.04 -15.34
N ALA A 113 -8.58 0.81 -14.12
CA ALA A 113 -9.75 -0.02 -13.86
C ALA A 113 -11.00 0.72 -14.32
N ALA A 114 -11.10 1.99 -13.97
CA ALA A 114 -12.28 2.77 -14.33
C ALA A 114 -12.61 2.86 -15.82
N LYS A 115 -11.60 3.02 -16.67
CA LYS A 115 -11.87 3.16 -18.12
C LYS A 115 -12.29 1.90 -18.86
N THR A 116 -12.28 0.74 -18.17
CA THR A 116 -12.69 -0.51 -18.82
C THR A 116 -14.19 -0.60 -18.96
N GLY A 117 -14.92 0.18 -18.16
CA GLY A 117 -16.36 0.13 -18.21
C GLY A 117 -16.89 -0.89 -17.22
N ARG A 118 -15.98 -1.65 -16.60
CA ARG A 118 -16.35 -2.66 -15.61
C ARG A 118 -16.58 -2.01 -14.24
N ALA A 119 -17.22 -2.75 -13.34
CA ALA A 119 -17.46 -2.23 -12.00
C ALA A 119 -16.13 -2.29 -11.28
N VAL A 120 -15.93 -1.42 -10.30
CA VAL A 120 -14.67 -1.40 -9.56
C VAL A 120 -14.89 -1.50 -8.07
N ASN A 121 -14.17 -2.43 -7.44
CA ASN A 121 -14.28 -2.62 -6.00
C ASN A 121 -12.94 -2.33 -5.34
N VAL A 122 -12.90 -1.31 -4.49
CA VAL A 122 -11.66 -0.93 -3.82
C VAL A 122 -11.64 -1.39 -2.38
N LYS A 123 -10.61 -2.15 -2.02
CA LYS A 123 -10.45 -2.59 -0.65
C LYS A 123 -9.90 -1.38 0.08
N LYS A 124 -10.56 -0.97 1.18
CA LYS A 124 -10.10 0.18 1.95
C LYS A 124 -8.78 -0.13 2.63
N GLY A 125 -7.77 0.68 2.34
CA GLY A 125 -6.46 0.47 2.94
C GLY A 125 -6.50 0.47 4.46
N GLN A 126 -5.66 -0.37 5.06
CA GLN A 126 -5.59 -0.48 6.52
C GLN A 126 -5.09 0.80 7.17
N PHE A 127 -4.60 1.72 6.34
CA PHE A 127 -4.07 3.00 6.79
C PHE A 127 -5.05 4.14 6.55
N LEU A 128 -6.14 3.86 5.87
CA LEU A 128 -7.11 4.87 5.51
C LEU A 128 -8.27 5.08 6.49
N ALA A 129 -8.64 6.35 6.72
CA ALA A 129 -9.78 6.67 7.60
C ALA A 129 -11.03 6.53 6.72
N PRO A 130 -12.19 6.19 7.31
CA PRO A 130 -13.39 6.03 6.50
C PRO A 130 -13.72 7.25 5.62
N TRP A 131 -13.61 8.44 6.19
CA TRP A 131 -13.93 9.65 5.44
C TRP A 131 -12.96 9.89 4.28
N ASP A 132 -11.78 9.28 4.31
CA ASP A 132 -10.81 9.45 3.23
C ASP A 132 -11.17 8.69 1.94
N THR A 133 -12.21 7.86 1.99
CA THR A 133 -12.60 7.12 0.79
C THR A 133 -13.38 8.00 -0.17
N LYS A 134 -13.84 9.15 0.32
CA LYS A 134 -14.59 10.05 -0.55
C LYS A 134 -13.76 10.39 -1.80
N ASN A 135 -12.47 10.70 -1.62
CA ASN A 135 -11.60 11.02 -2.76
C ASN A 135 -11.30 9.82 -3.64
N VAL A 136 -11.32 8.63 -3.06
CA VAL A 136 -11.05 7.42 -3.82
C VAL A 136 -12.16 7.22 -4.84
N VAL A 137 -13.39 7.44 -4.40
CA VAL A 137 -14.56 7.30 -5.26
C VAL A 137 -14.53 8.41 -6.33
N GLU A 138 -14.15 9.63 -5.93
CA GLU A 138 -14.07 10.75 -6.86
C GLU A 138 -13.09 10.42 -7.99
N LYS A 139 -11.94 9.83 -7.64
CA LYS A 139 -10.98 9.46 -8.67
C LYS A 139 -11.66 8.54 -9.68
N LEU A 140 -12.28 7.48 -9.18
CA LEU A 140 -12.97 6.50 -10.04
C LEU A 140 -14.04 7.13 -10.91
N LYS A 141 -14.86 7.99 -10.32
CA LYS A 141 -15.89 8.65 -11.08
C LYS A 141 -15.23 9.46 -12.20
N PHE A 142 -14.15 10.14 -11.86
CA PHE A 142 -13.37 10.94 -12.81
C PHE A 142 -12.88 10.07 -13.96
N GLY A 143 -12.43 8.86 -13.62
CA GLY A 143 -11.93 7.93 -14.62
C GLY A 143 -13.01 7.14 -15.35
N GLY A 144 -14.27 7.51 -15.14
CA GLY A 144 -15.37 6.85 -15.83
C GLY A 144 -16.10 5.69 -15.16
N ALA A 145 -15.77 5.37 -13.91
CA ALA A 145 -16.44 4.25 -13.24
C ALA A 145 -17.87 4.65 -12.87
N LYS A 146 -18.82 3.80 -13.25
CA LYS A 146 -20.23 4.06 -12.96
C LYS A 146 -20.79 3.18 -11.83
N GLU A 147 -20.13 2.06 -11.58
CA GLU A 147 -20.54 1.13 -10.52
C GLU A 147 -19.32 0.94 -9.61
N ILE A 148 -19.37 1.55 -8.45
CA ILE A 148 -18.25 1.54 -7.51
C ILE A 148 -18.58 0.94 -6.15
N TYR A 149 -17.66 0.12 -5.65
CA TYR A 149 -17.80 -0.50 -4.33
C TYR A 149 -16.58 -0.20 -3.46
N LEU A 150 -16.83 -0.06 -2.16
CA LEU A 150 -15.77 0.17 -1.18
C LEU A 150 -15.88 -1.00 -0.20
N THR A 151 -14.78 -1.73 -0.02
CA THR A 151 -14.78 -2.88 0.88
C THR A 151 -14.04 -2.64 2.20
N GLU A 152 -14.75 -2.86 3.30
CA GLU A 152 -14.17 -2.72 4.62
C GLU A 152 -13.39 -3.99 4.91
N ARG A 153 -12.11 -3.88 5.26
CA ARG A 153 -11.32 -5.07 5.56
C ARG A 153 -10.39 -4.90 6.77
N GLY A 154 -10.79 -4.04 7.69
CA GLY A 154 -10.00 -3.81 8.89
C GLY A 154 -9.04 -2.64 8.82
N THR A 155 -8.65 -2.15 10.00
CA THR A 155 -7.74 -1.01 10.12
C THR A 155 -6.60 -1.36 11.05
N THR A 156 -5.41 -0.83 10.74
CA THR A 156 -4.22 -1.09 11.55
C THR A 156 -4.49 -0.72 13.01
N PHE A 157 -4.29 -1.69 13.91
CA PHE A 157 -4.54 -1.51 15.33
C PHE A 157 -3.33 -2.10 16.06
N GLY A 158 -2.32 -1.28 16.28
CA GLY A 158 -1.11 -1.76 16.92
C GLY A 158 -0.45 -2.64 15.88
N TYR A 159 0.58 -3.39 16.27
CA TYR A 159 1.27 -4.28 15.33
C TYR A 159 0.59 -5.63 15.13
N ASN A 160 0.65 -6.13 13.90
CA ASN A 160 0.09 -7.42 13.52
C ASN A 160 -1.36 -7.65 13.95
N ASN A 161 -2.17 -6.61 13.93
CA ASN A 161 -3.57 -6.76 14.33
C ASN A 161 -4.43 -5.75 13.60
N LEU A 162 -5.66 -6.14 13.30
CA LEU A 162 -6.59 -5.26 12.63
C LEU A 162 -7.87 -5.20 13.43
N VAL A 163 -8.49 -4.04 13.46
CA VAL A 163 -9.75 -3.91 14.16
C VAL A 163 -10.76 -3.46 13.10
N VAL A 164 -12.03 -3.78 13.32
CA VAL A 164 -13.06 -3.34 12.39
C VAL A 164 -13.84 -2.23 13.11
N ASP A 165 -13.78 -1.03 12.57
CA ASP A 165 -14.50 0.12 13.11
C ASP A 165 -15.80 0.17 12.33
N PHE A 166 -16.87 -0.41 12.86
CA PHE A 166 -18.13 -0.44 12.12
C PHE A 166 -18.75 0.91 11.81
N ARG A 167 -18.20 1.99 12.36
CA ARG A 167 -18.70 3.30 12.05
C ARG A 167 -18.41 3.62 10.58
N SER A 168 -17.47 2.87 10.01
CA SER A 168 -17.07 3.07 8.62
C SER A 168 -18.16 2.68 7.61
N LEU A 169 -19.00 1.71 7.95
CA LEU A 169 -20.05 1.28 7.04
C LEU A 169 -21.00 2.44 6.72
N PRO A 170 -21.59 3.07 7.75
CA PRO A 170 -22.48 4.18 7.38
C PRO A 170 -21.72 5.38 6.80
N ILE A 171 -20.44 5.53 7.16
CA ILE A 171 -19.67 6.66 6.62
C ILE A 171 -19.42 6.49 5.14
N MET A 172 -18.89 5.33 4.75
CA MET A 172 -18.59 5.07 3.34
C MET A 172 -19.84 4.96 2.47
N LYS A 173 -20.96 4.58 3.06
CA LYS A 173 -22.19 4.45 2.28
C LYS A 173 -22.62 5.80 1.69
N GLN A 174 -22.09 6.90 2.23
CA GLN A 174 -22.43 8.23 1.72
C GLN A 174 -22.04 8.43 0.25
N TRP A 175 -21.02 7.72 -0.20
CA TRP A 175 -20.58 7.89 -1.58
C TRP A 175 -20.37 6.64 -2.42
N ALA A 176 -20.68 5.47 -1.89
CA ALA A 176 -20.52 4.22 -2.65
C ALA A 176 -21.17 3.04 -1.95
N LYS A 177 -21.39 1.96 -2.69
CA LYS A 177 -21.96 0.76 -2.08
C LYS A 177 -20.85 0.16 -1.24
N VAL A 178 -21.21 -0.31 -0.06
CA VAL A 178 -20.24 -0.86 0.87
C VAL A 178 -20.29 -2.37 0.97
N ILE A 179 -19.11 -2.99 0.92
CA ILE A 179 -18.95 -4.44 1.03
C ILE A 179 -18.11 -4.77 2.26
N TYR A 180 -18.50 -5.80 3.00
CA TYR A 180 -17.74 -6.22 4.19
C TYR A 180 -16.96 -7.49 3.90
N ASP A 181 -15.65 -7.44 4.08
CA ASP A 181 -14.74 -8.56 3.87
C ASP A 181 -14.66 -9.35 5.18
N ALA A 182 -15.45 -10.41 5.27
CA ALA A 182 -15.52 -11.22 6.48
C ALA A 182 -14.27 -12.00 6.84
N THR A 183 -13.43 -12.34 5.87
CA THR A 183 -12.24 -13.13 6.15
C THR A 183 -10.95 -12.37 6.47
N HIS A 184 -10.68 -11.28 5.75
CA HIS A 184 -9.47 -10.52 6.01
C HIS A 184 -9.53 -9.56 7.18
N SER A 185 -10.74 -9.19 7.59
CA SER A 185 -10.91 -8.29 8.73
C SER A 185 -10.48 -8.94 10.06
N VAL A 186 -10.32 -10.27 10.06
CA VAL A 186 -9.90 -10.97 11.27
C VAL A 186 -8.51 -11.56 11.08
N GLN A 187 -7.87 -11.14 10.00
CA GLN A 187 -6.51 -11.60 9.66
C GLN A 187 -5.48 -10.90 10.56
N LEU A 188 -4.40 -11.59 10.87
CA LEU A 188 -3.33 -11.01 11.68
C LEU A 188 -2.13 -10.79 10.76
N PRO A 189 -1.96 -9.53 10.29
CA PRO A 189 -0.87 -9.14 9.38
C PRO A 189 0.51 -9.63 9.81
N GLY A 190 1.08 -10.54 9.01
CA GLY A 190 2.40 -11.10 9.30
C GLY A 190 2.54 -11.66 10.70
N GLY A 191 1.43 -12.04 11.31
CA GLY A 191 1.44 -12.58 12.66
C GLY A 191 2.16 -13.91 12.81
N LEU A 192 2.35 -14.62 11.70
CA LEU A 192 3.02 -15.92 11.72
C LEU A 192 4.46 -15.86 11.20
N GLY A 193 5.02 -14.65 11.13
CA GLY A 193 6.38 -14.49 10.65
C GLY A 193 6.48 -14.31 9.15
N ASP A 194 6.76 -15.41 8.44
CA ASP A 194 6.87 -15.39 7.00
C ASP A 194 5.50 -15.44 6.34
N LYS A 195 4.45 -15.52 7.17
CA LYS A 195 3.06 -15.56 6.73
C LYS A 195 2.18 -14.83 7.72
N SER A 196 0.95 -14.50 7.31
CA SER A 196 0.02 -13.80 8.17
C SER A 196 -0.86 -14.80 8.92
N GLY A 197 -1.37 -14.38 10.07
CA GLY A 197 -2.23 -15.25 10.87
C GLY A 197 -3.69 -14.91 10.66
N GLY A 198 -4.55 -15.40 11.55
CA GLY A 198 -5.96 -15.15 11.45
C GLY A 198 -6.75 -15.91 12.50
N MET A 199 -7.91 -15.38 12.85
CA MET A 199 -8.76 -16.00 13.86
C MET A 199 -10.15 -16.31 13.29
N ARG A 200 -10.31 -17.53 12.77
CA ARG A 200 -11.56 -17.98 12.17
C ARG A 200 -12.77 -17.96 13.12
N GLU A 201 -12.53 -18.03 14.42
CA GLU A 201 -13.63 -18.03 15.37
C GLU A 201 -14.39 -16.70 15.41
N PHE A 202 -13.82 -15.64 14.86
CA PHE A 202 -14.49 -14.36 14.87
C PHE A 202 -15.15 -13.99 13.55
N ILE A 203 -14.86 -14.77 12.50
CA ILE A 203 -15.44 -14.47 11.20
C ILE A 203 -16.96 -14.33 11.25
N PHE A 204 -17.63 -15.35 11.79
CA PHE A 204 -19.09 -15.32 11.84
C PHE A 204 -19.71 -14.19 12.66
N PRO A 205 -19.28 -13.99 13.92
CA PRO A 205 -19.92 -12.89 14.66
C PRO A 205 -19.72 -11.50 14.04
N LEU A 206 -18.54 -11.24 13.48
CA LEU A 206 -18.30 -9.93 12.87
C LEU A 206 -19.16 -9.76 11.62
N ILE A 207 -19.43 -10.86 10.93
CA ILE A 207 -20.26 -10.79 9.73
C ILE A 207 -21.69 -10.45 10.18
N ARG A 208 -22.12 -11.03 11.30
CA ARG A 208 -23.46 -10.73 11.81
C ARG A 208 -23.55 -9.24 12.12
N ALA A 209 -22.50 -8.71 12.75
CA ALA A 209 -22.47 -7.29 13.07
C ALA A 209 -22.57 -6.45 11.80
N ALA A 210 -21.80 -6.81 10.77
CA ALA A 210 -21.79 -6.06 9.52
C ALA A 210 -23.18 -5.93 8.92
N VAL A 211 -23.92 -7.03 8.86
CA VAL A 211 -25.24 -6.98 8.27
C VAL A 211 -26.25 -6.27 9.17
N ALA A 212 -26.03 -6.32 10.47
CA ALA A 212 -26.91 -5.66 11.44
C ALA A 212 -26.75 -4.14 11.31
N VAL A 213 -25.50 -3.72 11.13
CA VAL A 213 -25.18 -2.30 10.95
C VAL A 213 -25.79 -1.87 9.62
N GLY A 214 -25.49 -2.63 8.58
CA GLY A 214 -26.03 -2.34 7.27
C GLY A 214 -24.96 -2.14 6.20
N CYS A 215 -24.93 -3.04 5.22
CA CYS A 215 -23.99 -2.95 4.12
C CYS A 215 -24.68 -3.48 2.89
N ASP A 216 -24.04 -3.38 1.73
CA ASP A 216 -24.63 -3.82 0.47
C ASP A 216 -24.14 -5.18 0.01
N GLY A 217 -23.21 -5.75 0.76
CA GLY A 217 -22.69 -7.05 0.38
C GLY A 217 -21.62 -7.54 1.33
N VAL A 218 -21.28 -8.82 1.21
CA VAL A 218 -20.23 -9.39 2.04
C VAL A 218 -19.30 -10.11 1.09
N PHE A 219 -18.05 -10.15 1.48
CA PHE A 219 -17.00 -10.75 0.70
C PHE A 219 -16.41 -11.84 1.60
N MET A 220 -16.36 -13.08 1.12
CA MET A 220 -15.78 -14.13 1.94
C MET A 220 -15.10 -15.22 1.14
N GLU A 221 -13.87 -15.51 1.54
CA GLU A 221 -13.08 -16.53 0.89
C GLU A 221 -13.43 -17.89 1.47
N THR A 222 -13.45 -18.89 0.61
CA THR A 222 -13.78 -20.24 1.01
C THR A 222 -12.87 -21.22 0.30
N HIS A 223 -12.77 -22.43 0.84
CA HIS A 223 -11.90 -23.45 0.25
C HIS A 223 -12.38 -24.80 0.77
N PRO A 224 -12.39 -25.83 -0.08
CA PRO A 224 -12.83 -27.15 0.36
C PRO A 224 -12.14 -27.56 1.66
N GLU A 225 -10.82 -27.40 1.69
CA GLU A 225 -10.02 -27.74 2.86
C GLU A 225 -9.13 -26.57 3.21
N PRO A 226 -9.67 -25.58 3.94
CA PRO A 226 -8.96 -24.37 4.36
C PRO A 226 -7.51 -24.57 4.79
N GLU A 227 -7.26 -25.54 5.66
CA GLU A 227 -5.91 -25.77 6.15
C GLU A 227 -4.92 -26.21 5.06
N LYS A 228 -5.41 -26.43 3.84
CA LYS A 228 -4.56 -26.82 2.73
C LYS A 228 -4.38 -25.67 1.73
N ALA A 229 -5.06 -24.55 2.00
CA ALA A 229 -4.97 -23.39 1.11
C ALA A 229 -3.51 -22.93 1.00
N LEU A 230 -3.13 -22.47 -0.18
CA LEU A 230 -1.77 -22.01 -0.42
C LEU A 230 -1.54 -20.56 0.02
N SER A 231 -2.61 -19.97 0.55
CA SER A 231 -2.57 -18.60 1.05
C SER A 231 -3.85 -18.30 1.83
N ASP A 232 -3.72 -17.52 2.90
CA ASP A 232 -4.85 -17.15 3.75
C ASP A 232 -5.52 -18.35 4.39
N ALA A 233 -4.80 -19.47 4.46
CA ALA A 233 -5.34 -20.70 5.04
C ALA A 233 -5.99 -20.46 6.41
N PRO A 234 -5.29 -19.75 7.30
CA PRO A 234 -5.86 -19.50 8.63
C PRO A 234 -7.17 -18.70 8.62
N THR A 235 -7.59 -18.24 7.45
CA THR A 235 -8.82 -17.44 7.36
C THR A 235 -9.87 -18.01 6.41
N ALA A 236 -9.46 -18.92 5.51
CA ALA A 236 -10.39 -19.51 4.55
C ALA A 236 -11.54 -20.22 5.25
N LEU A 237 -12.75 -20.01 4.75
CA LEU A 237 -13.94 -20.63 5.33
C LEU A 237 -14.25 -21.97 4.66
N PRO A 238 -14.55 -23.01 5.46
CA PRO A 238 -14.87 -24.32 4.87
C PRO A 238 -16.02 -24.17 3.90
N LEU A 239 -15.85 -24.67 2.68
CA LEU A 239 -16.88 -24.57 1.65
C LEU A 239 -18.27 -25.02 2.10
N SER A 240 -18.33 -26.08 2.89
CA SER A 240 -19.62 -26.61 3.35
C SER A 240 -20.35 -25.69 4.31
N GLN A 241 -19.63 -24.75 4.92
CA GLN A 241 -20.23 -23.83 5.87
C GLN A 241 -20.81 -22.58 5.20
N LEU A 242 -20.51 -22.38 3.93
CA LEU A 242 -20.98 -21.21 3.20
C LEU A 242 -22.50 -21.04 3.21
N GLU A 243 -23.24 -22.11 2.94
CA GLU A 243 -24.70 -22.04 2.91
C GLU A 243 -25.29 -21.49 4.20
N GLY A 244 -24.91 -22.08 5.32
CA GLY A 244 -25.43 -21.65 6.60
C GLY A 244 -25.08 -20.21 6.94
N ILE A 245 -23.88 -19.78 6.59
CA ILE A 245 -23.46 -18.42 6.87
C ILE A 245 -24.33 -17.46 6.08
N ILE A 246 -24.53 -17.76 4.80
CA ILE A 246 -25.34 -16.92 3.93
C ILE A 246 -26.79 -16.85 4.39
N GLU A 247 -27.39 -18.00 4.73
CA GLU A 247 -28.77 -17.99 5.20
C GLU A 247 -28.85 -17.06 6.41
N ALA A 248 -27.92 -17.21 7.34
CA ALA A 248 -27.92 -16.39 8.54
C ALA A 248 -27.82 -14.89 8.26
N ILE A 249 -26.94 -14.47 7.36
CA ILE A 249 -26.82 -13.04 7.13
C ILE A 249 -28.07 -12.48 6.45
N LEU A 250 -28.71 -13.29 5.61
CA LEU A 250 -29.93 -12.86 4.95
C LEU A 250 -31.04 -12.67 5.99
N GLU A 251 -31.10 -13.55 6.99
CA GLU A 251 -32.10 -13.45 8.06
C GLU A 251 -31.85 -12.24 8.94
N ILE A 252 -30.60 -12.05 9.34
CA ILE A 252 -30.27 -10.90 10.18
C ILE A 252 -30.49 -9.59 9.41
N ARG A 253 -30.14 -9.58 8.13
CA ARG A 253 -30.33 -8.40 7.28
C ARG A 253 -31.80 -8.01 7.18
N GLU A 254 -32.65 -9.00 6.96
CA GLU A 254 -34.09 -8.77 6.84
C GLU A 254 -34.67 -8.10 8.08
N VAL A 255 -34.38 -8.68 9.25
CA VAL A 255 -34.91 -8.13 10.49
C VAL A 255 -34.29 -6.78 10.88
N ALA A 256 -33.04 -6.56 10.52
CA ALA A 256 -32.41 -5.28 10.85
C ALA A 256 -32.69 -4.17 9.82
N SER A 257 -32.97 -4.56 8.58
CA SER A 257 -33.19 -3.61 7.48
C SER A 257 -34.13 -2.43 7.70
N LYS A 258 -35.23 -2.63 8.41
CA LYS A 258 -36.17 -1.53 8.59
C LYS A 258 -35.55 -0.40 9.44
N TYR A 259 -34.45 -0.70 10.11
CA TYR A 259 -33.78 0.28 10.96
C TYR A 259 -32.54 0.93 10.35
N TYR A 260 -32.16 0.50 9.15
CA TYR A 260 -31.00 1.07 8.48
C TYR A 260 -31.25 2.56 8.28
N GLU A 261 -30.29 3.39 8.68
CA GLU A 261 -30.44 4.84 8.53
C GLU A 261 -30.36 5.24 7.06
N THR A 262 -31.11 6.28 6.71
CA THR A 262 -31.11 6.77 5.33
C THR A 262 -29.93 7.70 5.09
N ILE A 263 -29.20 7.46 4.00
CA ILE A 263 -28.05 8.29 3.66
C ILE A 263 -28.45 9.51 2.82
N LYS B 2 29.88 6.28 5.87
CA LYS B 2 29.58 7.52 6.66
C LYS B 2 28.09 7.82 6.71
N PHE B 3 27.71 8.74 7.58
CA PHE B 3 26.31 9.12 7.77
C PHE B 3 25.68 9.67 6.48
N LEU B 4 24.45 9.24 6.23
CA LEU B 4 23.73 9.64 5.02
C LEU B 4 22.69 10.73 5.21
N VAL B 5 22.69 11.70 4.31
CA VAL B 5 21.70 12.77 4.36
C VAL B 5 21.04 12.85 2.98
N ILE B 6 19.77 12.47 2.92
CA ILE B 6 19.01 12.52 1.68
C ILE B 6 18.14 13.76 1.78
N ALA B 7 18.23 14.63 0.78
CA ALA B 7 17.44 15.84 0.82
C ALA B 7 17.10 16.35 -0.55
N GLY B 8 16.11 17.23 -0.62
CA GLY B 8 15.68 17.79 -1.88
C GLY B 8 14.23 18.20 -1.81
N PRO B 9 13.68 18.76 -2.89
CA PRO B 9 12.28 19.17 -2.89
C PRO B 9 11.42 17.92 -3.04
N ASN B 10 10.20 17.95 -2.52
CA ASN B 10 9.35 16.77 -2.64
C ASN B 10 9.16 16.37 -4.11
N ALA B 11 8.54 17.26 -4.88
CA ALA B 11 8.28 16.99 -6.27
C ALA B 11 9.12 17.85 -7.21
N ILE B 12 9.34 17.35 -8.43
CA ILE B 12 10.11 18.07 -9.43
C ILE B 12 9.17 19.09 -10.05
N GLU B 13 9.01 20.21 -9.36
CA GLU B 13 8.13 21.28 -9.80
C GLU B 13 8.67 21.92 -11.09
N SER B 14 9.98 21.78 -11.29
CA SER B 14 10.67 22.31 -12.47
C SER B 14 12.15 22.06 -12.26
N GLU B 15 12.91 21.91 -13.34
CA GLU B 15 14.34 21.67 -13.19
C GLU B 15 15.00 22.90 -12.59
N GLU B 16 14.31 24.04 -12.68
CA GLU B 16 14.83 25.27 -12.11
C GLU B 16 14.89 25.10 -10.60
N LEU B 17 13.79 24.63 -10.02
CA LEU B 17 13.70 24.39 -8.59
C LEU B 17 14.77 23.41 -8.12
N LEU B 18 14.95 22.34 -8.88
CA LEU B 18 15.94 21.32 -8.53
C LEU B 18 17.36 21.86 -8.54
N LEU B 19 17.64 22.80 -9.43
CA LEU B 19 18.99 23.37 -9.52
C LEU B 19 19.27 24.34 -8.38
N LYS B 20 18.24 25.01 -7.90
CA LYS B 20 18.39 25.95 -6.80
C LYS B 20 18.64 25.17 -5.50
N VAL B 21 17.93 24.07 -5.32
CA VAL B 21 18.10 23.25 -4.13
C VAL B 21 19.39 22.45 -4.26
N GLY B 22 19.70 22.03 -5.48
CA GLY B 22 20.91 21.26 -5.73
C GLY B 22 22.17 22.06 -5.40
N GLU B 23 22.11 23.37 -5.62
CA GLU B 23 23.24 24.25 -5.36
C GLU B 23 23.52 24.30 -3.86
N GLU B 24 22.47 24.44 -3.06
CA GLU B 24 22.61 24.53 -1.61
C GLU B 24 23.06 23.19 -1.02
N ILE B 25 22.61 22.09 -1.63
CA ILE B 25 22.99 20.77 -1.15
C ILE B 25 24.43 20.48 -1.56
N LYS B 26 24.84 21.05 -2.69
CA LYS B 26 26.21 20.84 -3.15
C LYS B 26 27.12 21.57 -2.16
N ARG B 27 26.72 22.79 -1.80
CA ARG B 27 27.48 23.61 -0.86
C ARG B 27 27.64 22.88 0.46
N LEU B 28 26.53 22.41 1.02
CA LEU B 28 26.53 21.67 2.27
C LEU B 28 27.44 20.45 2.16
N SER B 29 27.38 19.79 1.02
CA SER B 29 28.19 18.61 0.74
C SER B 29 29.68 18.93 0.87
N GLU B 30 30.04 20.16 0.51
CA GLU B 30 31.43 20.60 0.57
C GLU B 30 31.81 20.97 2.00
N LYS B 31 30.83 21.47 2.76
CA LYS B 31 31.06 21.89 4.14
C LYS B 31 31.06 20.72 5.13
N PHE B 32 30.39 19.64 4.78
CA PHE B 32 30.33 18.46 5.65
C PHE B 32 30.84 17.22 4.91
N LYS B 33 32.16 17.13 4.79
CA LYS B 33 32.78 16.01 4.08
C LYS B 33 32.55 14.64 4.73
N GLU B 34 32.24 14.63 6.02
CA GLU B 34 32.02 13.36 6.72
C GLU B 34 30.58 12.87 6.49
N VAL B 35 29.88 13.54 5.59
CA VAL B 35 28.50 13.17 5.29
C VAL B 35 28.33 12.91 3.80
N GLU B 36 27.58 11.86 3.49
CA GLU B 36 27.30 11.54 2.10
C GLU B 36 25.89 12.05 1.78
N PHE B 37 25.82 13.11 0.98
CA PHE B 37 24.55 13.69 0.60
C PHE B 37 24.00 12.99 -0.66
N VAL B 38 22.68 12.90 -0.73
CA VAL B 38 22.01 12.28 -1.87
C VAL B 38 20.83 13.18 -2.21
N PHE B 39 20.77 13.63 -3.46
CA PHE B 39 19.69 14.53 -3.88
C PHE B 39 18.42 13.73 -4.19
N LYS B 40 17.30 14.17 -3.62
CA LYS B 40 16.02 13.49 -3.82
C LYS B 40 14.90 14.37 -4.34
N SER B 41 14.08 13.80 -5.20
CA SER B 41 12.93 14.49 -5.74
C SER B 41 12.08 13.50 -6.56
N SER B 42 10.76 13.62 -6.44
CA SER B 42 9.83 12.73 -7.15
C SER B 42 9.38 13.26 -8.51
N PHE B 43 9.48 12.41 -9.52
CA PHE B 43 9.05 12.82 -10.85
C PHE B 43 7.54 12.64 -10.98
N ASP B 44 6.91 12.07 -9.95
CA ASP B 44 5.46 11.86 -9.96
C ASP B 44 4.89 11.49 -8.58
N LYS B 45 3.85 12.20 -8.18
CA LYS B 45 3.18 11.90 -6.91
C LYS B 45 2.03 11.00 -7.37
N ALA B 46 2.31 9.71 -7.41
CA ALA B 46 1.36 8.70 -7.88
C ALA B 46 0.26 8.31 -6.89
N ASN B 47 0.34 8.80 -5.67
CA ASN B 47 -0.64 8.45 -4.64
C ASN B 47 -1.33 9.63 -3.94
N ARG B 48 -1.51 10.76 -4.64
CA ARG B 48 -2.17 11.90 -4.02
C ARG B 48 -3.57 11.42 -3.63
N SER B 49 -4.16 12.06 -2.63
CA SER B 49 -5.50 11.69 -2.20
C SER B 49 -6.53 12.18 -3.21
N SER B 50 -6.29 13.37 -3.75
CA SER B 50 -7.21 13.97 -4.71
C SER B 50 -6.79 13.85 -6.17
N ILE B 51 -7.76 13.60 -7.05
CA ILE B 51 -7.48 13.50 -8.47
C ILE B 51 -7.09 14.90 -8.99
N HIS B 52 -7.55 15.93 -8.29
CA HIS B 52 -7.29 17.32 -8.67
C HIS B 52 -6.05 17.95 -8.06
N SER B 53 -5.03 17.15 -7.78
CA SER B 53 -3.80 17.67 -7.19
C SER B 53 -2.61 17.47 -8.10
N PHE B 54 -1.53 18.19 -7.80
CA PHE B 54 -0.30 18.14 -8.57
C PHE B 54 0.38 16.79 -8.50
N ARG B 55 0.67 16.20 -9.66
CA ARG B 55 1.36 14.92 -9.73
C ARG B 55 2.80 15.09 -10.20
N GLY B 56 3.01 15.91 -11.23
CA GLY B 56 4.34 16.12 -11.75
C GLY B 56 4.36 16.41 -13.25
N HIS B 57 5.54 16.33 -13.86
CA HIS B 57 5.66 16.58 -15.28
C HIS B 57 5.96 15.33 -16.07
N GLY B 58 6.00 14.20 -15.38
CA GLY B 58 6.26 12.94 -16.05
C GLY B 58 7.64 12.41 -15.79
N LEU B 59 7.83 11.12 -16.07
CA LEU B 59 9.10 10.46 -15.86
C LEU B 59 10.19 10.99 -16.79
N GLU B 60 9.82 11.29 -18.03
CA GLU B 60 10.76 11.82 -19.01
C GLU B 60 11.41 13.10 -18.48
N TYR B 61 10.59 14.13 -18.31
CA TYR B 61 11.03 15.42 -17.80
C TYR B 61 11.74 15.25 -16.46
N GLY B 62 11.28 14.28 -15.68
CA GLY B 62 11.85 14.02 -14.37
C GLY B 62 13.28 13.52 -14.42
N VAL B 63 13.51 12.42 -15.14
CA VAL B 63 14.85 11.86 -15.25
C VAL B 63 15.77 12.89 -15.90
N LYS B 64 15.21 13.71 -16.78
CA LYS B 64 15.97 14.74 -17.46
C LYS B 64 16.51 15.74 -16.45
N ALA B 65 15.60 16.31 -15.65
CA ALA B 65 15.96 17.30 -14.64
C ALA B 65 16.94 16.74 -13.60
N LEU B 66 16.74 15.49 -13.20
CA LEU B 66 17.62 14.88 -12.22
C LEU B 66 19.00 14.66 -12.80
N ARG B 67 19.07 14.33 -14.08
CA ARG B 67 20.37 14.12 -14.72
C ARG B 67 21.14 15.44 -14.71
N LYS B 68 20.42 16.54 -14.88
CA LYS B 68 21.03 17.87 -14.89
C LYS B 68 21.68 18.17 -13.53
N VAL B 69 21.05 17.70 -12.45
CA VAL B 69 21.58 17.90 -11.11
C VAL B 69 22.84 17.07 -10.89
N LYS B 70 22.80 15.82 -11.32
CA LYS B 70 23.93 14.90 -11.15
C LYS B 70 25.14 15.32 -11.97
N GLU B 71 24.90 16.02 -13.08
CA GLU B 71 25.98 16.48 -13.96
C GLU B 71 26.52 17.83 -13.52
N GLU B 72 25.62 18.72 -13.16
CA GLU B 72 25.99 20.05 -12.74
C GLU B 72 26.61 20.13 -11.34
N PHE B 73 26.26 19.20 -10.46
CA PHE B 73 26.79 19.23 -9.10
C PHE B 73 27.48 17.95 -8.66
N GLY B 74 27.43 16.91 -9.49
CA GLY B 74 28.07 15.66 -9.13
C GLY B 74 27.50 15.04 -7.87
N LEU B 75 26.22 15.29 -7.62
CA LEU B 75 25.54 14.75 -6.44
C LEU B 75 24.83 13.44 -6.77
N LYS B 76 24.91 12.46 -5.88
CA LYS B 76 24.21 11.21 -6.11
C LYS B 76 22.72 11.51 -6.23
N ILE B 77 21.97 10.58 -6.83
CA ILE B 77 20.54 10.80 -7.04
C ILE B 77 19.62 9.69 -6.53
N THR B 78 18.43 10.08 -6.11
CA THR B 78 17.43 9.13 -5.63
C THR B 78 16.03 9.65 -5.94
N THR B 79 15.18 8.76 -6.43
CA THR B 79 13.80 9.09 -6.75
C THR B 79 12.99 7.81 -6.56
N ASP B 80 11.68 7.95 -6.37
CA ASP B 80 10.83 6.78 -6.17
C ASP B 80 10.14 6.33 -7.45
N ILE B 81 9.89 5.03 -7.54
CA ILE B 81 9.20 4.43 -8.69
C ILE B 81 7.84 3.91 -8.19
N HIS B 82 6.90 3.73 -9.10
CA HIS B 82 5.56 3.28 -8.69
C HIS B 82 5.05 2.02 -9.37
N GLU B 83 5.68 1.64 -10.48
CA GLU B 83 5.32 0.42 -11.19
C GLU B 83 6.61 -0.16 -11.74
N SER B 84 6.65 -1.49 -11.83
CA SER B 84 7.82 -2.23 -12.30
C SER B 84 8.56 -1.70 -13.51
N TRP B 85 7.83 -1.28 -14.53
CA TRP B 85 8.47 -0.80 -15.75
C TRP B 85 9.34 0.44 -15.58
N GLN B 86 9.10 1.19 -14.50
CA GLN B 86 9.86 2.41 -14.27
C GLN B 86 11.25 2.20 -13.68
N ALA B 87 11.53 0.99 -13.22
CA ALA B 87 12.83 0.70 -12.60
C ALA B 87 14.02 0.91 -13.53
N GLU B 88 13.96 0.33 -14.73
CA GLU B 88 15.04 0.44 -15.70
C GLU B 88 15.36 1.88 -16.12
N PRO B 89 14.39 2.61 -16.70
CA PRO B 89 14.68 3.99 -17.11
C PRO B 89 15.16 4.90 -15.98
N VAL B 90 14.63 4.70 -14.78
CA VAL B 90 15.01 5.50 -13.62
C VAL B 90 16.42 5.14 -13.14
N ALA B 91 16.77 3.87 -13.24
CA ALA B 91 18.09 3.39 -12.82
C ALA B 91 19.23 4.08 -13.59
N GLU B 92 18.89 4.74 -14.68
CA GLU B 92 19.87 5.44 -15.50
C GLU B 92 20.53 6.60 -14.76
N VAL B 93 19.76 7.26 -13.90
CA VAL B 93 20.29 8.41 -13.17
C VAL B 93 20.24 8.22 -11.65
N ALA B 94 19.24 7.50 -11.16
CA ALA B 94 19.10 7.29 -9.73
C ALA B 94 20.10 6.31 -9.16
N ASP B 95 20.89 6.77 -8.20
CA ASP B 95 21.89 5.94 -7.54
C ASP B 95 21.18 5.02 -6.54
N ILE B 96 20.06 5.52 -6.01
CA ILE B 96 19.25 4.77 -5.05
C ILE B 96 17.80 4.83 -5.51
N ILE B 97 17.17 3.67 -5.64
CA ILE B 97 15.77 3.60 -6.05
C ILE B 97 14.89 3.52 -4.81
N GLN B 98 13.97 4.46 -4.69
CA GLN B 98 13.07 4.52 -3.54
C GLN B 98 11.74 3.84 -3.82
N ILE B 99 11.33 2.99 -2.87
CA ILE B 99 10.07 2.24 -2.95
C ILE B 99 9.07 2.92 -2.00
N PRO B 100 7.95 3.43 -2.54
CA PRO B 100 6.93 4.09 -1.70
C PRO B 100 6.44 3.19 -0.57
N ALA B 101 6.05 3.82 0.54
CA ALA B 101 5.58 3.09 1.70
C ALA B 101 4.38 2.19 1.41
N PHE B 102 3.36 2.73 0.75
CA PHE B 102 2.19 1.91 0.42
C PHE B 102 2.56 0.71 -0.44
N LEU B 103 3.69 0.81 -1.13
CA LEU B 103 4.14 -0.25 -2.04
C LEU B 103 5.25 -1.15 -1.51
N CYS B 104 5.62 -0.97 -0.24
CA CYS B 104 6.70 -1.77 0.33
C CYS B 104 6.51 -3.28 0.26
N ARG B 105 5.29 -3.74 -0.02
CA ARG B 105 5.02 -5.18 -0.09
C ARG B 105 4.78 -5.69 -1.52
N GLN B 106 4.88 -4.81 -2.51
CA GLN B 106 4.65 -5.23 -3.88
C GLN B 106 5.91 -5.90 -4.43
N THR B 107 5.93 -7.22 -4.34
CA THR B 107 7.05 -8.04 -4.77
C THR B 107 7.73 -7.68 -6.09
N ASP B 108 6.95 -7.50 -7.15
CA ASP B 108 7.53 -7.18 -8.45
C ASP B 108 8.21 -5.81 -8.54
N LEU B 109 7.71 -4.85 -7.77
CA LEU B 109 8.28 -3.51 -7.77
C LEU B 109 9.65 -3.60 -7.13
N LEU B 110 9.74 -4.37 -6.03
CA LEU B 110 10.99 -4.56 -5.31
C LEU B 110 12.00 -5.34 -6.15
N LEU B 111 11.53 -6.34 -6.88
CA LEU B 111 12.41 -7.15 -7.72
C LEU B 111 12.92 -6.33 -8.90
N ALA B 112 12.03 -5.57 -9.53
CA ALA B 112 12.41 -4.72 -10.66
C ALA B 112 13.45 -3.70 -10.22
N ALA B 113 13.34 -3.24 -8.97
CA ALA B 113 14.29 -2.28 -8.45
C ALA B 113 15.63 -2.98 -8.21
N ALA B 114 15.58 -4.15 -7.59
CA ALA B 114 16.77 -4.93 -7.30
C ALA B 114 17.56 -5.30 -8.56
N LYS B 115 16.83 -5.69 -9.61
CA LYS B 115 17.45 -6.11 -10.87
C LYS B 115 18.33 -5.04 -11.52
N THR B 116 17.98 -3.77 -11.38
CA THR B 116 18.75 -2.68 -11.99
C THR B 116 20.18 -2.61 -11.47
N GLY B 117 20.46 -3.29 -10.37
CA GLY B 117 21.80 -3.27 -9.79
C GLY B 117 22.00 -2.10 -8.82
N ARG B 118 21.13 -1.10 -8.91
CA ARG B 118 21.22 0.07 -8.05
C ARG B 118 20.89 -0.26 -6.60
N ALA B 119 21.10 0.72 -5.73
CA ALA B 119 20.79 0.56 -4.30
C ALA B 119 19.28 0.77 -4.18
N VAL B 120 18.66 0.14 -3.18
CA VAL B 120 17.23 0.28 -2.99
C VAL B 120 16.88 0.72 -1.56
N ASN B 121 16.03 1.74 -1.46
CA ASN B 121 15.60 2.28 -0.17
C ASN B 121 14.09 2.08 -0.07
N VAL B 122 13.66 1.21 0.83
CA VAL B 122 12.24 0.96 0.98
C VAL B 122 11.63 1.74 2.15
N LYS B 123 10.59 2.51 1.85
CA LYS B 123 9.89 3.26 2.88
C LYS B 123 9.02 2.23 3.61
N LYS B 124 9.17 2.14 4.93
CA LYS B 124 8.40 1.17 5.70
C LYS B 124 6.93 1.57 5.75
N GLY B 125 6.06 0.71 5.21
CA GLY B 125 4.63 1.00 5.21
C GLY B 125 4.12 1.36 6.58
N GLN B 126 3.12 2.24 6.63
CA GLN B 126 2.51 2.69 7.88
C GLN B 126 1.74 1.56 8.57
N PHE B 127 1.52 0.48 7.83
CA PHE B 127 0.78 -0.70 8.32
C PHE B 127 1.70 -1.83 8.76
N LEU B 128 2.99 -1.67 8.49
CA LEU B 128 3.99 -2.70 8.79
C LEU B 128 4.63 -2.62 10.18
N ALA B 129 4.87 -3.79 10.78
CA ALA B 129 5.52 -3.87 12.08
C ALA B 129 7.02 -3.88 11.76
N PRO B 130 7.87 -3.37 12.67
CA PRO B 130 9.32 -3.31 12.46
C PRO B 130 9.94 -4.64 12.03
N TRP B 131 9.57 -5.71 12.72
CA TRP B 131 10.11 -7.03 12.39
C TRP B 131 9.65 -7.57 11.04
N ASP B 132 8.49 -7.12 10.57
CA ASP B 132 7.99 -7.57 9.27
C ASP B 132 8.84 -7.05 8.11
N THR B 133 9.80 -6.16 8.38
CA THR B 133 10.64 -5.65 7.31
C THR B 133 11.74 -6.64 6.94
N LYS B 134 11.91 -7.66 7.77
CA LYS B 134 12.94 -8.67 7.52
C LYS B 134 12.66 -9.31 6.16
N ASN B 135 11.38 -9.62 5.91
CA ASN B 135 10.96 -10.23 4.66
C ASN B 135 11.15 -9.28 3.48
N VAL B 136 10.99 -7.99 3.72
CA VAL B 136 11.18 -7.01 2.66
C VAL B 136 12.61 -7.13 2.17
N VAL B 137 13.54 -7.07 3.12
CA VAL B 137 14.96 -7.17 2.82
C VAL B 137 15.28 -8.46 2.06
N GLU B 138 14.74 -9.57 2.51
CA GLU B 138 14.96 -10.87 1.87
C GLU B 138 14.51 -10.88 0.41
N LYS B 139 13.42 -10.19 0.09
CA LYS B 139 12.95 -10.15 -1.29
C LYS B 139 14.00 -9.45 -2.12
N LEU B 140 14.52 -8.35 -1.60
CA LEU B 140 15.53 -7.57 -2.31
C LEU B 140 16.82 -8.37 -2.48
N LYS B 141 17.24 -9.09 -1.45
CA LYS B 141 18.45 -9.91 -1.56
C LYS B 141 18.21 -10.95 -2.65
N PHE B 142 17.04 -11.57 -2.62
CA PHE B 142 16.68 -12.57 -3.61
C PHE B 142 16.80 -11.96 -5.00
N GLY B 143 16.36 -10.71 -5.12
CA GLY B 143 16.41 -10.02 -6.40
C GLY B 143 17.78 -9.49 -6.78
N GLY B 144 18.79 -9.79 -5.96
CA GLY B 144 20.14 -9.35 -6.25
C GLY B 144 20.55 -7.99 -5.71
N ALA B 145 19.86 -7.51 -4.68
CA ALA B 145 20.19 -6.22 -4.10
C ALA B 145 21.37 -6.34 -3.16
N LYS B 146 22.28 -5.36 -3.23
CA LYS B 146 23.48 -5.35 -2.39
C LYS B 146 23.44 -4.22 -1.36
N GLU B 147 22.93 -3.06 -1.78
CA GLU B 147 22.82 -1.91 -0.90
C GLU B 147 21.34 -1.72 -0.61
N ILE B 148 20.92 -2.12 0.59
CA ILE B 148 19.51 -2.04 1.00
C ILE B 148 19.28 -1.15 2.21
N TYR B 149 18.34 -0.22 2.08
CA TYR B 149 18.00 0.69 3.16
C TYR B 149 16.52 0.59 3.52
N LEU B 150 16.21 0.78 4.81
CA LEU B 150 14.84 0.77 5.30
C LEU B 150 14.61 2.16 5.91
N THR B 151 13.54 2.84 5.50
CA THR B 151 13.26 4.16 6.02
C THR B 151 12.04 4.19 6.93
N GLU B 152 12.24 4.73 8.14
CA GLU B 152 11.19 4.85 9.12
C GLU B 152 10.44 6.14 8.75
N ARG B 153 9.13 6.03 8.54
CA ARG B 153 8.34 7.22 8.22
C ARG B 153 7.01 7.24 8.98
N GLY B 154 7.00 6.63 10.16
CA GLY B 154 5.81 6.65 10.97
C GLY B 154 4.90 5.45 10.81
N THR B 155 4.04 5.23 11.80
CA THR B 155 3.11 4.11 11.79
C THR B 155 1.69 4.60 12.09
N THR B 156 0.71 3.98 11.45
CA THR B 156 -0.68 4.38 11.66
C THR B 156 -1.05 4.38 13.14
N PHE B 157 -1.57 5.51 13.61
CA PHE B 157 -1.95 5.65 15.00
C PHE B 157 -3.32 6.28 15.03
N GLY B 158 -4.35 5.45 14.90
CA GLY B 158 -5.70 5.97 14.86
C GLY B 158 -5.89 6.55 13.47
N TYR B 159 -6.79 7.51 13.31
CA TYR B 159 -7.01 8.10 11.99
C TYR B 159 -6.25 9.39 11.76
N ASN B 160 -5.77 9.57 10.52
CA ASN B 160 -5.06 10.78 10.11
C ASN B 160 -3.96 11.18 11.07
N ASN B 161 -3.18 10.19 11.51
CA ASN B 161 -2.12 10.47 12.44
C ASN B 161 -1.09 9.37 12.39
N LEU B 162 0.17 9.74 12.51
CA LEU B 162 1.26 8.77 12.50
C LEU B 162 2.07 8.98 13.76
N VAL B 163 2.59 7.90 14.32
CA VAL B 163 3.42 8.00 15.50
C VAL B 163 4.73 7.31 15.14
N VAL B 164 5.84 7.81 15.65
CA VAL B 164 7.12 7.17 15.37
C VAL B 164 7.50 6.32 16.57
N ASP B 165 7.57 5.02 16.35
CA ASP B 165 7.95 4.09 17.38
C ASP B 165 9.45 3.92 17.22
N PHE B 166 10.24 4.68 17.99
CA PHE B 166 11.69 4.60 17.84
C PHE B 166 12.33 3.25 18.14
N ARG B 167 11.52 2.29 18.62
CA ARG B 167 12.05 0.95 18.86
C ARG B 167 12.36 0.31 17.49
N SER B 168 11.72 0.81 16.43
CA SER B 168 11.93 0.26 15.09
C SER B 168 13.36 0.49 14.56
N LEU B 169 14.03 1.55 15.00
CA LEU B 169 15.39 1.81 14.53
C LEU B 169 16.30 0.64 14.88
N PRO B 170 16.45 0.31 16.18
CA PRO B 170 17.32 -0.83 16.47
C PRO B 170 16.87 -2.16 15.91
N ILE B 171 15.55 -2.37 15.83
CA ILE B 171 15.02 -3.62 15.29
C ILE B 171 15.34 -3.79 13.80
N MET B 172 15.12 -2.75 13.00
CA MET B 172 15.37 -2.83 11.57
C MET B 172 16.85 -2.87 11.24
N LYS B 173 17.67 -2.30 12.12
CA LYS B 173 19.11 -2.29 11.92
C LYS B 173 19.68 -3.72 11.93
N GLN B 174 18.90 -4.69 12.38
CA GLN B 174 19.37 -6.06 12.40
C GLN B 174 19.59 -6.59 10.99
N TRP B 175 18.82 -6.07 10.03
CA TRP B 175 18.93 -6.58 8.66
C TRP B 175 19.15 -5.56 7.55
N ALA B 176 19.31 -4.30 7.90
CA ALA B 176 19.55 -3.29 6.88
C ALA B 176 19.98 -1.97 7.48
N LYS B 177 20.43 -1.05 6.64
CA LYS B 177 20.83 0.26 7.11
C LYS B 177 19.50 0.97 7.30
N VAL B 178 19.41 1.75 8.38
CA VAL B 178 18.17 2.45 8.67
C VAL B 178 18.25 3.95 8.46
N ILE B 179 17.28 4.47 7.70
CA ILE B 179 17.18 5.89 7.42
C ILE B 179 15.93 6.41 8.12
N TYR B 180 16.00 7.62 8.67
CA TYR B 180 14.85 8.22 9.33
C TYR B 180 14.25 9.34 8.48
N ASP B 181 12.99 9.18 8.09
CA ASP B 181 12.30 10.19 7.31
C ASP B 181 11.75 11.23 8.29
N ALA B 182 12.49 12.32 8.45
CA ALA B 182 12.12 13.37 9.39
C ALA B 182 10.94 14.21 8.92
N THR B 183 10.68 14.18 7.61
CA THR B 183 9.62 14.99 7.03
C THR B 183 8.23 14.38 7.12
N HIS B 184 8.07 13.17 6.57
CA HIS B 184 6.77 12.53 6.57
C HIS B 184 6.37 11.81 7.85
N SER B 185 7.31 11.65 8.78
CA SER B 185 6.99 10.97 10.04
C SER B 185 6.09 11.80 10.93
N VAL B 186 5.99 13.10 10.66
CA VAL B 186 5.14 13.98 11.45
C VAL B 186 3.99 14.56 10.63
N GLN B 187 3.80 14.03 9.41
CA GLN B 187 2.72 14.49 8.56
C GLN B 187 1.42 13.82 9.03
N LEU B 188 0.29 14.45 8.78
CA LEU B 188 -1.01 13.91 9.17
C LEU B 188 -1.76 13.44 7.92
N PRO B 189 -1.79 12.12 7.68
CA PRO B 189 -2.46 11.50 6.52
C PRO B 189 -3.84 12.04 6.20
N GLY B 190 -4.06 12.40 4.94
CA GLY B 190 -5.35 12.92 4.52
C GLY B 190 -5.66 14.27 5.12
N GLY B 198 0.59 18.06 8.29
CA GLY B 198 1.70 17.80 9.19
C GLY B 198 2.03 18.98 10.10
N MET B 199 2.94 18.77 11.03
CA MET B 199 3.34 19.81 11.98
C MET B 199 4.87 19.99 11.97
N ARG B 200 5.33 21.02 11.28
CA ARG B 200 6.76 21.31 11.14
C ARG B 200 7.51 21.49 12.47
N GLU B 201 6.80 21.89 13.52
CA GLU B 201 7.41 22.10 14.84
C GLU B 201 8.00 20.83 15.45
N PHE B 202 7.61 19.67 14.94
CA PHE B 202 8.12 18.42 15.50
C PHE B 202 9.21 17.78 14.67
N ILE B 203 9.52 18.35 13.52
CA ILE B 203 10.54 17.79 12.65
C ILE B 203 11.90 17.72 13.34
N PHE B 204 12.40 18.88 13.80
CA PHE B 204 13.72 18.94 14.44
C PHE B 204 13.81 18.09 15.71
N PRO B 205 12.84 18.23 16.62
CA PRO B 205 12.91 17.42 17.84
C PRO B 205 13.03 15.92 17.60
N LEU B 206 12.24 15.39 16.66
CA LEU B 206 12.28 13.96 16.38
C LEU B 206 13.51 13.56 15.59
N ILE B 207 14.10 14.50 14.87
CA ILE B 207 15.33 14.20 14.13
C ILE B 207 16.38 13.95 15.20
N ARG B 208 16.39 14.81 16.21
CA ARG B 208 17.34 14.68 17.30
C ARG B 208 17.19 13.33 17.97
N ALA B 209 15.96 12.89 18.16
CA ALA B 209 15.68 11.61 18.78
C ALA B 209 16.22 10.47 17.93
N ALA B 210 16.04 10.56 16.62
CA ALA B 210 16.51 9.53 15.71
C ALA B 210 18.02 9.32 15.80
N VAL B 211 18.79 10.41 15.84
CA VAL B 211 20.24 10.30 15.92
C VAL B 211 20.70 9.89 17.31
N ALA B 212 19.98 10.33 18.33
CA ALA B 212 20.34 9.96 19.69
C ALA B 212 20.13 8.45 19.84
N VAL B 213 19.10 7.93 19.18
CA VAL B 213 18.81 6.51 19.23
C VAL B 213 19.84 5.74 18.38
N GLY B 214 20.05 6.23 17.17
CA GLY B 214 21.00 5.59 16.28
C GLY B 214 20.42 5.15 14.96
N CYS B 215 20.83 5.82 13.89
CA CYS B 215 20.38 5.47 12.55
C CYS B 215 21.53 5.72 11.59
N ASP B 216 21.41 5.22 10.37
CA ASP B 216 22.47 5.37 9.38
C ASP B 216 22.29 6.59 8.50
N GLY B 217 21.18 7.29 8.68
CA GLY B 217 20.95 8.48 7.88
C GLY B 217 19.62 9.13 8.13
N VAL B 218 19.46 10.33 7.59
CA VAL B 218 18.23 11.08 7.72
C VAL B 218 17.73 11.48 6.34
N PHE B 219 16.41 11.43 6.17
CA PHE B 219 15.73 11.80 4.94
C PHE B 219 15.06 13.11 5.31
N MET B 220 15.31 14.15 4.52
CA MET B 220 14.79 15.47 4.85
C MET B 220 14.39 16.26 3.61
N GLU B 221 13.11 16.60 3.49
CA GLU B 221 12.66 17.38 2.35
C GLU B 221 12.77 18.87 2.63
N THR B 222 13.27 19.61 1.64
CA THR B 222 13.46 21.05 1.78
C THR B 222 12.94 21.80 0.56
N HIS B 223 12.68 23.09 0.74
CA HIS B 223 12.15 23.91 -0.34
C HIS B 223 12.40 25.39 -0.04
N PRO B 224 12.76 26.18 -1.06
CA PRO B 224 13.02 27.61 -0.86
C PRO B 224 11.87 28.26 -0.10
N GLU B 225 10.66 27.99 -0.56
CA GLU B 225 9.47 28.54 0.08
C GLU B 225 8.50 27.39 0.32
N PRO B 226 8.66 26.70 1.46
CA PRO B 226 7.82 25.58 1.86
C PRO B 226 6.33 25.76 1.60
N GLU B 227 5.77 26.87 2.08
CA GLU B 227 4.34 27.12 1.90
C GLU B 227 3.88 27.17 0.44
N LYS B 228 4.82 27.23 -0.49
CA LYS B 228 4.48 27.27 -1.90
C LYS B 228 4.66 25.92 -2.59
N ALA B 229 5.18 24.95 -1.84
CA ALA B 229 5.38 23.61 -2.38
C ALA B 229 4.07 23.09 -2.93
N LEU B 230 4.11 22.47 -4.10
CA LEU B 230 2.90 21.94 -4.73
C LEU B 230 2.51 20.59 -4.13
N SER B 231 3.34 20.10 -3.21
CA SER B 231 3.08 18.84 -2.56
C SER B 231 3.74 18.85 -1.19
N ASP B 232 3.01 18.36 -0.19
CA ASP B 232 3.52 18.30 1.18
C ASP B 232 4.03 19.64 1.70
N ALA B 233 3.34 20.72 1.35
CA ALA B 233 3.74 22.06 1.76
C ALA B 233 3.89 22.23 3.27
N PRO B 234 2.89 21.80 4.06
CA PRO B 234 2.98 21.94 5.50
C PRO B 234 4.10 21.14 6.19
N THR B 235 4.98 20.52 5.40
CA THR B 235 6.08 19.74 5.98
C THR B 235 7.46 20.07 5.41
N ALA B 236 7.50 20.83 4.32
CA ALA B 236 8.76 21.19 3.69
C ALA B 236 9.65 22.06 4.57
N LEU B 237 10.87 21.60 4.80
CA LEU B 237 11.83 22.32 5.62
C LEU B 237 12.44 23.46 4.80
N PRO B 238 12.50 24.68 5.36
CA PRO B 238 13.07 25.81 4.63
C PRO B 238 14.55 25.57 4.30
N LEU B 239 14.93 25.83 3.05
CA LEU B 239 16.31 25.62 2.60
C LEU B 239 17.36 26.18 3.54
N SER B 240 17.13 27.39 4.03
CA SER B 240 18.06 28.08 4.92
C SER B 240 18.27 27.42 6.27
N GLN B 241 17.39 26.50 6.65
CA GLN B 241 17.50 25.81 7.94
C GLN B 241 18.26 24.49 7.88
N LEU B 242 18.52 24.01 6.67
CA LEU B 242 19.20 22.75 6.47
C LEU B 242 20.57 22.64 7.16
N GLU B 243 21.42 23.65 6.97
CA GLU B 243 22.76 23.65 7.56
C GLU B 243 22.74 23.45 9.07
N GLY B 244 21.99 24.32 9.76
CA GLY B 244 21.92 24.23 11.20
C GLY B 244 21.46 22.88 11.70
N ILE B 245 20.47 22.30 11.04
CA ILE B 245 19.96 21.00 11.46
C ILE B 245 21.00 19.91 11.24
N ILE B 246 21.70 19.98 10.11
CA ILE B 246 22.72 18.99 9.82
C ILE B 246 23.85 19.08 10.85
N GLU B 247 24.30 20.30 11.14
CA GLU B 247 25.36 20.48 12.12
C GLU B 247 24.90 19.91 13.46
N ALA B 248 23.63 20.16 13.80
CA ALA B 248 23.04 19.68 15.04
C ALA B 248 23.04 18.17 15.12
N ILE B 249 22.60 17.51 14.05
CA ILE B 249 22.57 16.04 14.08
C ILE B 249 23.96 15.43 14.14
N LEU B 250 24.95 16.08 13.52
CA LEU B 250 26.32 15.56 13.55
C LEU B 250 26.90 15.62 14.96
N GLU B 251 26.67 16.72 15.65
CA GLU B 251 27.17 16.89 17.01
C GLU B 251 26.51 15.88 17.96
N ILE B 252 25.19 15.73 17.86
CA ILE B 252 24.48 14.79 18.73
C ILE B 252 24.94 13.37 18.44
N ARG B 253 25.06 13.04 17.16
CA ARG B 253 25.53 11.72 16.77
C ARG B 253 26.93 11.45 17.35
N GLU B 254 27.83 12.41 17.21
CA GLU B 254 29.20 12.26 17.70
C GLU B 254 29.23 11.85 19.17
N VAL B 255 28.41 12.51 19.99
CA VAL B 255 28.36 12.19 21.40
C VAL B 255 27.59 10.92 21.71
N ALA B 256 26.44 10.75 21.07
CA ALA B 256 25.59 9.58 21.32
C ALA B 256 26.11 8.28 20.73
N SER B 257 26.78 8.36 19.57
CA SER B 257 27.29 7.16 18.91
C SER B 257 28.07 6.26 19.87
N LYS B 258 28.64 6.85 20.91
CA LYS B 258 29.40 6.10 21.89
C LYS B 258 28.50 5.04 22.53
N TYR B 259 27.20 5.29 22.54
CA TYR B 259 26.26 4.36 23.17
C TYR B 259 25.35 3.55 22.27
N TYR B 260 25.52 3.68 20.95
CA TYR B 260 24.69 2.92 20.03
C TYR B 260 24.93 1.44 20.31
N GLU B 261 23.87 0.66 20.45
CA GLU B 261 24.00 -0.77 20.73
C GLU B 261 24.55 -1.55 19.53
N THR B 262 25.28 -2.64 19.81
CA THR B 262 25.88 -3.47 18.77
C THR B 262 24.83 -4.24 17.95
N ILE B 263 24.59 -3.73 16.73
CA ILE B 263 23.61 -4.30 15.78
C ILE B 263 22.32 -4.81 16.43
C1 PEP C . -7.60 -10.37 -1.43
O1 PEP C . -7.04 -11.27 -2.09
O2' PEP C . -8.84 -10.33 -1.22
C2 PEP C . -6.76 -9.18 -0.96
C3 PEP C . -5.53 -8.96 -1.55
O2 PEP C . -7.40 -8.17 -0.30
P PEP C . -6.43 -6.99 0.20
O1P PEP C . -5.76 -6.26 -0.91
O2P PEP C . -5.39 -7.64 1.25
O3P PEP C . -7.39 -6.03 1.06
C1 A5P D . -3.68 -9.93 0.61
O1 A5P D . -3.17 -9.14 1.40
C2 A5P D . -4.38 -11.20 1.10
O2 A5P D . -4.43 -12.15 0.02
C3 A5P D . -3.60 -11.81 2.26
O3 A5P D . -3.87 -11.07 3.45
C4 A5P D . -2.08 -11.78 2.00
O4 A5P D . -1.82 -12.31 0.69
C5 A5P D . -1.32 -12.58 3.05
O5 A5P D . 0.08 -12.52 2.78
P A5P D . 1.13 -13.41 3.64
O1P A5P D . 1.54 -12.51 4.91
O2P A5P D . 0.30 -14.66 4.23
O3P A5P D . 2.30 -13.83 2.85
O2P 1NT E . 4.87 8.41 1.19
P 1NT E . 6.22 7.59 0.89
O3P 1NT E . 6.86 7.27 2.34
O1P 1NT E . 5.97 6.37 0.09
O2 1NT E . 7.25 8.60 0.18
C2 1NT E . 6.95 9.99 0.10
C1 1NT E . 8.09 10.72 -0.63
O1 1NT E . 7.80 11.27 -1.72
O2' 1NT E . 9.21 10.71 -0.09
O3 1NT E . 6.80 10.54 1.41
CI3 1NT E . 5.64 10.16 -0.68
CA1 1NT E . 4.92 11.42 -0.23
OA1 1NT E . 5.52 12.57 -0.84
CA2 1NT E . 3.46 11.33 -0.66
OA2 1NT E . 2.92 10.09 -0.17
CA3 1NT E . 2.64 12.51 -0.13
OA3 1NT E . 2.73 12.54 1.29
CA4 1NT E . 1.18 12.34 -0.53
OA4 1NT E . 1.08 12.25 -1.96
CA5 1NT E . 0.34 13.53 -0.05
OP4 1NT E . -1.03 13.29 -0.35
PA 1NT E . -2.11 14.47 -0.24
OP3 1NT E . -2.90 14.48 -1.65
OP1 1NT E . -3.17 14.00 0.89
OP2 1NT E . -1.50 15.78 0.07
#